data_8YSS
#
_entry.id   8YSS
#
_cell.length_a   35.344
_cell.length_b   111.153
_cell.length_c   47.120
_cell.angle_alpha   90.00
_cell.angle_beta   100.18
_cell.angle_gamma   90.00
#
_symmetry.space_group_name_H-M   'P 1 21 1'
#
loop_
_entity.id
_entity.type
_entity.pdbx_description
1 polymer Nucleotidyltransferase
2 water water
#
_entity_poly.entity_id   1
_entity_poly.type   'polypeptide(L)'
_entity_poly.pdbx_seq_one_letter_code
;(MSE)APVQKQFREFHDRIKLAQYDENQTLRDERDAVLTAVREGLKKVFADRGEAAPTFTPFNQGSYA(MSE)NTGVKPL
EGGEYDIDVGIILNIAKDDHDPVEVKKWIRDALKDYGNGAEIRRSCVTVFKPGYHVDLAVYADPELSGGTLCIAKGKENS
GDEHRLWQISDPQGFQDRIASKLSGDDAAQFRRCIRYLKRWRDFRFSSDGNAAPLGIGLTAAAYWWFQVSKRTDPVSQNV
TYDDRDALEQFVQT(MSE)LDNFHDTWDSKDQRSYPRLTVELPVQPYNDVFEK(MSE)TG(MSE)Q(MSE)ESFKSKLQA
LLNALKTAKSRLELHDACKALADHFGSEFPVPEKDKSAVHTAPAIVGSGSSG
;
_entity_poly.pdbx_strand_id   A
#
# COMPACT_ATOMS: atom_id res chain seq x y z
N MSE A 1 2.83 30.61 -3.62
CA MSE A 1 2.61 29.30 -4.21
C MSE A 1 1.96 29.41 -5.59
O MSE A 1 1.00 30.16 -5.77
CB MSE A 1 1.73 28.42 -3.32
CG MSE A 1 1.57 27.00 -3.82
SE MSE A 1 0.61 25.83 -2.58
CE MSE A 1 1.82 25.90 -1.05
N ALA A 2 2.48 28.65 -6.54
CA ALA A 2 2.03 28.74 -7.93
C ALA A 2 0.69 28.02 -8.12
N PRO A 3 -0.10 28.43 -9.15
CA PRO A 3 -1.49 27.95 -9.28
C PRO A 3 -1.70 26.44 -9.32
N VAL A 4 -1.05 25.72 -10.24
CA VAL A 4 -1.30 24.28 -10.31
C VAL A 4 -0.75 23.59 -9.06
N GLN A 5 0.33 24.11 -8.46
CA GLN A 5 0.75 23.56 -7.18
C GLN A 5 -0.34 23.73 -6.13
N LYS A 6 -0.99 24.89 -6.13
CA LYS A 6 -2.08 25.10 -5.18
C LYS A 6 -3.18 24.07 -5.37
N GLN A 7 -3.46 23.74 -6.63
CA GLN A 7 -4.47 22.73 -6.91
C GLN A 7 -4.04 21.34 -6.44
N PHE A 8 -2.77 20.99 -6.67
CA PHE A 8 -2.27 19.71 -6.15
C PHE A 8 -2.35 19.64 -4.64
N ARG A 9 -1.97 20.72 -3.94
CA ARG A 9 -2.03 20.69 -2.48
C ARG A 9 -3.46 20.57 -1.97
N GLU A 10 -4.42 21.21 -2.64
CA GLU A 10 -5.83 21.03 -2.29
C GLU A 10 -6.28 19.59 -2.52
N PHE A 11 -5.95 19.03 -3.69
CA PHE A 11 -6.20 17.61 -3.96
C PHE A 11 -5.63 16.72 -2.85
N HIS A 12 -4.38 16.98 -2.45
CA HIS A 12 -3.78 16.18 -1.39
C HIS A 12 -4.60 16.27 -0.11
N ASP A 13 -5.00 17.49 0.26
CA ASP A 13 -5.82 17.68 1.45
C ASP A 13 -7.12 16.87 1.36
N ARG A 14 -7.68 16.74 0.17
CA ARG A 14 -8.93 16.00 0.03
C ARG A 14 -8.75 14.49 0.09
N ILE A 15 -7.61 13.97 -0.35
CA ILE A 15 -7.46 12.51 -0.43
C ILE A 15 -6.75 11.92 0.79
N LYS A 16 -6.04 12.73 1.56
CA LYS A 16 -5.21 12.17 2.61
C LYS A 16 -6.05 11.60 3.75
N LEU A 17 -5.57 10.52 4.33
CA LEU A 17 -6.19 9.93 5.51
C LEU A 17 -5.14 9.89 6.61
N ALA A 18 -5.49 10.41 7.78
CA ALA A 18 -4.51 10.59 8.85
C ALA A 18 -3.98 9.26 9.35
N GLN A 19 -2.67 9.20 9.58
CA GLN A 19 -2.00 7.99 10.07
C GLN A 19 -2.48 7.61 11.47
N TYR A 20 -2.12 6.39 11.88
CA TYR A 20 -2.58 5.85 13.17
C TYR A 20 -2.37 6.84 14.32
N ASP A 21 -1.17 7.38 14.43
CA ASP A 21 -0.84 8.26 15.55
C ASP A 21 -1.63 9.56 15.55
N GLU A 22 -2.34 9.88 14.46
CA GLU A 22 -3.14 11.08 14.38
C GLU A 22 -4.62 10.79 14.12
N ASN A 23 -5.06 9.54 14.27
CA ASN A 23 -6.39 9.12 13.83
C ASN A 23 -7.01 8.23 14.92
N GLN A 24 -7.79 8.85 15.81
CA GLN A 24 -8.40 8.10 16.90
C GLN A 24 -9.34 7.03 16.38
N THR A 25 -10.06 7.32 15.28
CA THR A 25 -11.02 6.36 14.75
C THR A 25 -10.33 5.10 14.25
N LEU A 26 -9.24 5.25 13.49
CA LEU A 26 -8.48 4.08 13.04
C LEU A 26 -7.92 3.31 14.23
N ARG A 27 -7.35 4.02 15.22
CA ARG A 27 -6.83 3.34 16.40
C ARG A 27 -7.92 2.53 17.10
N ASP A 28 -9.13 3.08 17.19
CA ASP A 28 -10.22 2.36 17.85
C ASP A 28 -10.63 1.13 17.07
N GLU A 29 -10.76 1.23 15.74
CA GLU A 29 -11.14 0.06 14.95
C GLU A 29 -10.09 -1.04 15.04
N ARG A 30 -8.82 -0.65 14.93
CA ARG A 30 -7.73 -1.59 15.11
C ARG A 30 -7.80 -2.26 16.49
N ASP A 31 -7.98 -1.46 17.53
CA ASP A 31 -7.96 -1.99 18.90
C ASP A 31 -9.15 -2.88 19.18
N ALA A 32 -10.30 -2.58 18.58
CA ALA A 32 -11.46 -3.48 18.74
C ALA A 32 -11.15 -4.84 18.14
N VAL A 33 -10.52 -4.88 16.96
CA VAL A 33 -10.17 -6.17 16.38
C VAL A 33 -9.16 -6.90 17.26
N LEU A 34 -8.18 -6.18 17.80
CA LEU A 34 -7.15 -6.85 18.60
C LEU A 34 -7.73 -7.40 19.90
N THR A 35 -8.62 -6.64 20.54
CA THR A 35 -9.31 -7.15 21.73
C THR A 35 -10.12 -8.40 21.40
N ALA A 36 -10.82 -8.38 20.25
CA ALA A 36 -11.56 -9.56 19.84
C ALA A 36 -10.65 -10.75 19.62
N VAL A 37 -9.45 -10.52 19.07
CA VAL A 37 -8.50 -11.61 18.88
C VAL A 37 -8.11 -12.22 20.22
N ARG A 38 -7.83 -11.36 21.20
CA ARG A 38 -7.42 -11.86 22.52
C ARG A 38 -8.52 -12.71 23.16
N GLU A 39 -9.76 -12.19 23.17
CA GLU A 39 -10.86 -12.95 23.76
C GLU A 39 -11.09 -14.26 23.01
N GLY A 40 -11.11 -14.20 21.67
CA GLY A 40 -11.35 -15.39 20.90
C GLY A 40 -10.27 -16.44 21.07
N LEU A 41 -9.02 -16.01 21.30
CA LEU A 41 -7.96 -16.98 21.55
C LEU A 41 -8.14 -17.64 22.91
N LYS A 42 -8.54 -16.86 23.91
CA LYS A 42 -8.95 -17.46 25.19
C LYS A 42 -9.93 -18.60 24.96
N LYS A 43 -11.00 -18.32 24.20
CA LYS A 43 -12.03 -19.33 23.99
C LYS A 43 -11.50 -20.52 23.18
N VAL A 44 -10.82 -20.24 22.07
CA VAL A 44 -10.34 -21.28 21.16
C VAL A 44 -9.42 -22.24 21.90
N PHE A 45 -8.54 -21.72 22.75
CA PHE A 45 -7.59 -22.59 23.40
C PHE A 45 -8.14 -23.21 24.67
N ALA A 46 -9.12 -22.59 25.31
CA ALA A 46 -9.86 -23.30 26.36
C ALA A 46 -10.55 -24.53 25.79
N ASP A 47 -11.16 -24.39 24.60
CA ASP A 47 -11.81 -25.54 23.98
C ASP A 47 -10.84 -26.66 23.66
N ARG A 48 -9.55 -26.35 23.51
CA ARG A 48 -8.52 -27.37 23.30
C ARG A 48 -7.88 -27.79 24.60
N GLY A 49 -8.31 -27.25 25.74
CA GLY A 49 -7.69 -27.55 27.01
C GLY A 49 -6.25 -27.10 27.10
N GLU A 50 -5.95 -25.92 26.55
CA GLU A 50 -4.61 -25.35 26.55
C GLU A 50 -4.70 -23.88 26.95
N ALA A 51 -3.57 -23.36 27.43
CA ALA A 51 -3.45 -21.92 27.63
C ALA A 51 -3.29 -21.20 26.30
N ALA A 52 -3.96 -20.06 26.17
CA ALA A 52 -3.90 -19.32 24.92
C ALA A 52 -2.53 -18.66 24.77
N PRO A 53 -1.98 -18.65 23.55
CA PRO A 53 -0.75 -17.90 23.32
C PRO A 53 -1.03 -16.41 23.41
N THR A 54 -0.01 -15.65 23.75
CA THR A 54 -0.08 -14.19 23.74
C THR A 54 0.54 -13.66 22.46
N PHE A 55 0.28 -12.38 22.18
CA PHE A 55 0.84 -11.75 20.99
C PHE A 55 1.12 -10.29 21.28
N THR A 56 2.09 -9.75 20.57
CA THR A 56 2.30 -8.31 20.57
C THR A 56 1.93 -7.71 19.22
N PRO A 57 1.10 -6.69 19.18
CA PRO A 57 0.72 -6.09 17.89
C PRO A 57 1.63 -4.93 17.51
N PHE A 58 1.68 -4.65 16.22
CA PHE A 58 2.36 -3.46 15.74
C PHE A 58 1.69 -2.97 14.46
N ASN A 59 1.77 -1.67 14.21
CA ASN A 59 1.10 -1.09 13.05
C ASN A 59 1.81 -1.47 11.76
N GLN A 60 1.03 -1.71 10.69
CA GLN A 60 1.61 -1.96 9.38
C GLN A 60 0.92 -1.12 8.33
N GLY A 61 1.49 -1.11 7.13
CA GLY A 61 0.79 -0.60 5.98
C GLY A 61 0.81 0.91 5.88
N SER A 62 -0.05 1.41 4.99
CA SER A 62 -0.03 2.82 4.65
C SER A 62 -0.36 3.73 5.82
N TYR A 63 -1.22 3.28 6.75
CA TYR A 63 -1.54 4.13 7.89
C TYR A 63 -0.41 4.14 8.92
N ALA A 64 0.53 3.20 8.84
CA ALA A 64 1.73 3.27 9.66
C ALA A 64 2.77 4.18 9.04
N MSE A 65 2.75 4.30 7.72
CA MSE A 65 3.77 5.04 6.98
C MSE A 65 3.36 6.46 6.63
O MSE A 65 4.13 7.15 5.98
CB MSE A 65 4.12 4.25 5.71
CG MSE A 65 4.69 2.91 6.03
SE MSE A 65 5.40 2.00 4.44
CE MSE A 65 3.74 1.22 3.76
N ASN A 66 2.16 6.87 7.03
CA ASN A 66 1.64 8.19 6.73
C ASN A 66 1.51 8.42 5.22
N THR A 67 1.10 7.38 4.51
CA THR A 67 0.82 7.44 3.08
C THR A 67 -0.63 7.04 2.78
N GLY A 68 -1.49 7.07 3.79
CA GLY A 68 -2.84 6.58 3.60
C GLY A 68 -3.72 7.53 2.80
N VAL A 69 -4.65 6.95 2.02
CA VAL A 69 -5.63 7.75 1.30
C VAL A 69 -7.02 7.28 1.67
N LYS A 70 -7.97 8.20 1.54
CA LYS A 70 -9.38 7.85 1.71
C LYS A 70 -9.85 7.04 0.52
N PRO A 71 -10.68 6.03 0.73
CA PRO A 71 -11.23 5.28 -0.40
C PRO A 71 -12.23 6.12 -1.18
N LEU A 72 -12.39 5.77 -2.44
CA LEU A 72 -13.47 6.32 -3.23
C LEU A 72 -14.81 5.84 -2.68
N GLU A 73 -15.87 6.60 -2.98
CA GLU A 73 -17.22 6.23 -2.56
C GLU A 73 -17.49 4.78 -2.91
N GLY A 74 -17.93 4.02 -1.92
CA GLY A 74 -18.16 2.60 -2.10
C GLY A 74 -16.96 1.72 -1.84
N GLY A 75 -15.78 2.32 -1.58
CA GLY A 75 -14.62 1.54 -1.24
C GLY A 75 -14.48 1.37 0.26
N GLU A 76 -13.54 0.50 0.64
CA GLU A 76 -13.29 0.19 2.04
C GLU A 76 -11.92 0.69 2.46
N TYR A 77 -11.80 1.04 3.74
CA TYR A 77 -10.51 1.28 4.36
C TYR A 77 -9.80 -0.06 4.60
N ASP A 78 -8.46 -0.04 4.46
CA ASP A 78 -7.64 -1.23 4.62
C ASP A 78 -6.73 -1.03 5.82
N ILE A 79 -7.14 -1.54 6.99
CA ILE A 79 -6.39 -1.42 8.22
C ILE A 79 -5.44 -2.61 8.30
N ASP A 80 -4.14 -2.35 8.43
CA ASP A 80 -3.12 -3.39 8.47
C ASP A 80 -2.45 -3.42 9.83
N VAL A 81 -2.37 -4.60 10.44
CA VAL A 81 -1.72 -4.74 11.73
C VAL A 81 -0.99 -6.08 11.74
N GLY A 82 0.22 -6.08 12.30
CA GLY A 82 0.97 -7.30 12.50
C GLY A 82 0.80 -7.74 13.94
N ILE A 83 0.78 -9.04 14.14
CA ILE A 83 0.71 -9.59 15.49
C ILE A 83 1.76 -10.70 15.58
N ILE A 84 2.60 -10.61 16.61
CA ILE A 84 3.71 -11.54 16.81
C ILE A 84 3.29 -12.46 17.95
N LEU A 85 2.99 -13.72 17.63
CA LEU A 85 2.61 -14.68 18.67
C LEU A 85 3.85 -15.24 19.35
N ASN A 86 3.73 -15.51 20.66
CA ASN A 86 4.85 -16.07 21.41
C ASN A 86 4.94 -17.57 21.16
N ILE A 87 5.29 -17.92 19.92
CA ILE A 87 5.45 -19.30 19.51
C ILE A 87 6.74 -19.45 18.71
N ALA A 88 7.20 -20.69 18.58
CA ALA A 88 8.32 -21.03 17.70
C ALA A 88 7.77 -21.50 16.38
N LYS A 89 8.27 -20.92 15.27
CA LYS A 89 7.73 -21.27 13.95
C LYS A 89 7.92 -22.74 13.65
N ASP A 90 9.00 -23.35 14.15
CA ASP A 90 9.25 -24.75 13.85
C ASP A 90 8.30 -25.68 14.59
N ASP A 91 7.49 -25.16 15.51
CA ASP A 91 6.54 -25.98 16.24
C ASP A 91 5.15 -26.00 15.63
N HIS A 92 4.88 -25.19 14.62
CA HIS A 92 3.51 -25.05 14.17
C HIS A 92 3.44 -24.89 12.65
N ASP A 93 2.40 -25.46 12.07
CA ASP A 93 2.11 -25.18 10.68
C ASP A 93 1.57 -23.74 10.59
N PRO A 94 2.03 -22.94 9.63
CA PRO A 94 1.62 -21.53 9.59
C PRO A 94 0.13 -21.35 9.34
N VAL A 95 -0.44 -22.21 8.49
CA VAL A 95 -1.87 -22.07 8.25
C VAL A 95 -2.64 -22.48 9.49
N GLU A 96 -2.10 -23.43 10.29
CA GLU A 96 -2.74 -23.78 11.55
C GLU A 96 -2.79 -22.58 12.50
N VAL A 97 -1.70 -21.82 12.58
CA VAL A 97 -1.69 -20.62 13.43
C VAL A 97 -2.71 -19.61 12.93
N LYS A 98 -2.74 -19.39 11.62
CA LYS A 98 -3.75 -18.50 11.08
C LYS A 98 -5.16 -19.01 11.35
N LYS A 99 -5.34 -20.33 11.42
CA LYS A 99 -6.63 -20.89 11.77
C LYS A 99 -7.00 -20.54 13.21
N TRP A 100 -6.03 -20.57 14.12
CA TRP A 100 -6.28 -20.04 15.46
C TRP A 100 -6.86 -18.64 15.38
N ILE A 101 -6.21 -17.77 14.61
CA ILE A 101 -6.65 -16.38 14.57
C ILE A 101 -8.04 -16.27 13.94
N ARG A 102 -8.27 -16.99 12.84
CA ARG A 102 -9.56 -16.97 12.15
C ARG A 102 -10.68 -17.46 13.06
N ASP A 103 -10.44 -18.54 13.79
CA ASP A 103 -11.46 -19.07 14.69
C ASP A 103 -11.71 -18.10 15.84
N ALA A 104 -10.65 -17.45 16.32
CA ALA A 104 -10.82 -16.46 17.38
C ALA A 104 -11.76 -15.33 16.96
N LEU A 105 -11.71 -14.95 15.68
CA LEU A 105 -12.54 -13.88 15.15
C LEU A 105 -13.79 -14.41 14.46
N LYS A 106 -14.29 -15.56 14.90
CA LYS A 106 -15.41 -16.21 14.23
C LYS A 106 -16.59 -15.27 14.06
N ASP A 107 -17.07 -14.70 15.17
CA ASP A 107 -18.30 -13.94 15.18
C ASP A 107 -18.09 -12.44 15.17
N TYR A 108 -16.85 -11.96 15.20
CA TYR A 108 -16.60 -10.53 15.12
C TYR A 108 -16.99 -10.03 13.74
N GLY A 109 -17.75 -8.93 13.71
CA GLY A 109 -18.11 -8.31 12.45
C GLY A 109 -18.77 -9.27 11.50
N ASN A 110 -18.42 -9.13 10.22
CA ASN A 110 -18.96 -9.96 9.15
C ASN A 110 -18.14 -11.22 8.92
N GLY A 111 -17.46 -11.74 9.95
CA GLY A 111 -16.70 -12.96 9.84
C GLY A 111 -15.26 -12.73 9.39
N ALA A 112 -14.46 -13.80 9.49
CA ALA A 112 -13.03 -13.76 9.19
C ALA A 112 -12.69 -14.77 8.10
N GLU A 113 -11.50 -14.61 7.53
CA GLU A 113 -11.12 -15.37 6.35
C GLU A 113 -9.60 -15.44 6.24
N ILE A 114 -9.08 -16.61 5.90
CA ILE A 114 -7.64 -16.83 5.83
C ILE A 114 -7.17 -16.59 4.41
N ARG A 115 -6.38 -15.53 4.21
CA ARG A 115 -5.76 -15.22 2.94
C ARG A 115 -4.27 -15.57 2.98
N ARG A 116 -3.69 -15.61 1.79
CA ARG A 116 -2.31 -16.07 1.57
C ARG A 116 -1.33 -15.49 2.59
N SER A 117 -1.42 -14.20 2.88
CA SER A 117 -0.45 -13.53 3.73
C SER A 117 -1.07 -12.93 4.98
N CYS A 118 -2.35 -13.21 5.26
CA CYS A 118 -2.96 -12.58 6.43
C CYS A 118 -4.25 -13.29 6.78
N VAL A 119 -4.85 -12.87 7.89
CA VAL A 119 -6.24 -13.17 8.20
C VAL A 119 -7.00 -11.86 8.10
N THR A 120 -8.12 -11.86 7.38
CA THR A 120 -8.89 -10.65 7.14
C THR A 120 -10.23 -10.73 7.87
N VAL A 121 -10.57 -9.66 8.58
CA VAL A 121 -11.86 -9.48 9.23
C VAL A 121 -12.60 -8.35 8.51
N PHE A 122 -13.92 -8.49 8.39
CA PHE A 122 -14.74 -7.54 7.66
C PHE A 122 -15.68 -6.78 8.59
N LYS A 123 -15.83 -5.48 8.35
CA LYS A 123 -16.73 -4.61 9.09
C LYS A 123 -17.34 -3.65 8.08
N PRO A 124 -18.55 -3.15 8.35
CA PRO A 124 -19.14 -2.17 7.43
C PRO A 124 -18.20 -1.00 7.18
N GLY A 125 -17.67 -0.93 5.97
CA GLY A 125 -16.82 0.18 5.57
C GLY A 125 -15.33 -0.09 5.62
N TYR A 126 -14.88 -1.17 6.26
CA TYR A 126 -13.45 -1.40 6.30
C TYR A 126 -13.17 -2.88 6.54
N HIS A 127 -11.92 -3.26 6.26
CA HIS A 127 -11.46 -4.57 6.68
C HIS A 127 -10.11 -4.44 7.36
N VAL A 128 -9.87 -5.34 8.31
CA VAL A 128 -8.62 -5.39 9.06
C VAL A 128 -7.87 -6.63 8.63
N ASP A 129 -6.68 -6.43 8.08
CA ASP A 129 -5.76 -7.50 7.71
C ASP A 129 -4.75 -7.69 8.83
N LEU A 130 -4.73 -8.87 9.43
CA LEU A 130 -3.79 -9.22 10.48
C LEU A 130 -2.73 -10.12 9.86
N ALA A 131 -1.50 -9.60 9.76
CA ALA A 131 -0.37 -10.41 9.40
C ALA A 131 0.12 -11.15 10.65
N VAL A 132 0.36 -12.44 10.52
CA VAL A 132 0.59 -13.32 11.66
C VAL A 132 2.04 -13.79 11.63
N TYR A 133 2.78 -13.49 12.70
CA TYR A 133 4.20 -13.78 12.76
C TYR A 133 4.51 -14.68 13.94
N ALA A 134 5.58 -15.48 13.80
CA ALA A 134 6.14 -16.20 14.92
C ALA A 134 7.11 -15.32 15.70
N ASP A 135 7.36 -15.69 16.94
CA ASP A 135 8.27 -14.91 17.79
C ASP A 135 9.71 -15.08 17.33
N PRO A 136 10.42 -14.02 16.97
CA PRO A 136 11.80 -14.20 16.50
C PRO A 136 12.71 -14.84 17.54
N GLU A 137 12.53 -14.50 18.82
CA GLU A 137 13.35 -15.09 19.87
C GLU A 137 13.21 -16.61 19.91
N LEU A 138 12.02 -17.12 19.60
CA LEU A 138 11.77 -18.56 19.60
C LEU A 138 11.99 -19.21 18.24
N SER A 139 12.27 -18.42 17.19
CA SER A 139 12.30 -18.92 15.82
C SER A 139 13.63 -18.62 15.15
N GLY A 140 14.70 -18.49 15.92
CA GLY A 140 16.02 -18.27 15.35
C GLY A 140 16.40 -16.83 15.09
N GLY A 141 15.70 -15.87 15.69
CA GLY A 141 16.05 -14.48 15.56
C GLY A 141 15.54 -13.79 14.32
N THR A 142 14.85 -14.50 13.42
CA THR A 142 14.24 -13.88 12.25
C THR A 142 12.74 -13.74 12.47
N LEU A 143 12.18 -12.70 11.87
CA LEU A 143 10.74 -12.45 11.92
C LEU A 143 10.09 -13.08 10.70
N CYS A 144 9.23 -14.08 10.91
CA CYS A 144 8.63 -14.82 9.80
C CYS A 144 7.11 -14.72 9.83
N ILE A 145 6.55 -14.52 8.64
CA ILE A 145 5.11 -14.38 8.46
C ILE A 145 4.55 -15.72 8.00
N ALA A 146 3.32 -15.99 8.42
CA ALA A 146 2.60 -17.22 8.09
C ALA A 146 1.98 -17.10 6.71
N LYS A 147 2.54 -17.81 5.74
CA LYS A 147 2.05 -17.79 4.37
C LYS A 147 1.36 -19.11 4.06
N GLY A 148 0.26 -19.03 3.31
CA GLY A 148 -0.50 -20.20 2.90
C GLY A 148 -1.99 -20.06 3.20
N LYS A 149 -2.80 -20.69 2.35
CA LYS A 149 -4.24 -20.77 2.56
C LYS A 149 -4.62 -22.17 3.00
N GLU A 150 -5.89 -22.33 3.38
CA GLU A 150 -6.37 -23.63 3.78
C GLU A 150 -6.25 -24.64 2.64
N ASN A 151 -6.48 -24.19 1.40
CA ASN A 151 -6.38 -25.06 0.24
C ASN A 151 -4.96 -25.19 -0.29
N SER A 152 -3.99 -24.49 0.30
CA SER A 152 -2.63 -24.50 -0.21
C SER A 152 -1.97 -25.85 0.02
N GLY A 153 -1.14 -26.26 -0.95
CA GLY A 153 -0.35 -27.46 -0.79
C GLY A 153 0.83 -27.24 0.15
N ASP A 154 1.53 -28.34 0.45
CA ASP A 154 2.66 -28.28 1.37
C ASP A 154 3.68 -27.23 0.97
N GLU A 155 4.02 -27.16 -0.32
CA GLU A 155 5.03 -26.22 -0.79
C GLU A 155 4.61 -24.76 -0.69
N HIS A 156 3.32 -24.48 -0.47
CA HIS A 156 2.82 -23.12 -0.37
C HIS A 156 2.54 -22.69 1.06
N ARG A 157 2.70 -23.58 2.03
CA ARG A 157 2.49 -23.27 3.44
C ARG A 157 3.87 -23.09 4.06
N LEU A 158 4.26 -21.84 4.31
CA LEU A 158 5.62 -21.63 4.78
C LEU A 158 5.67 -20.46 5.76
N TRP A 159 6.76 -20.43 6.52
CA TRP A 159 7.09 -19.29 7.36
C TRP A 159 8.15 -18.48 6.62
N GLN A 160 7.75 -17.34 6.07
CA GLN A 160 8.64 -16.58 5.20
C GLN A 160 9.25 -15.40 5.93
N ILE A 161 10.57 -15.24 5.79
CA ILE A 161 11.26 -14.12 6.41
C ILE A 161 10.66 -12.82 5.88
N SER A 162 10.51 -11.85 6.77
CA SER A 162 9.73 -10.65 6.52
C SER A 162 10.38 -9.51 7.28
N ASP A 163 10.13 -8.28 6.82
CA ASP A 163 10.69 -7.14 7.55
C ASP A 163 9.78 -5.92 7.41
N PRO A 164 8.55 -5.98 7.91
CA PRO A 164 7.64 -4.84 7.73
C PRO A 164 8.13 -3.56 8.39
N GLN A 165 8.69 -3.64 9.60
CA GLN A 165 9.16 -2.41 10.22
C GLN A 165 10.40 -1.85 9.51
N GLY A 166 11.26 -2.71 8.96
CA GLY A 166 12.35 -2.22 8.14
C GLY A 166 11.87 -1.49 6.90
N PHE A 167 10.82 -2.02 6.26
CA PHE A 167 10.26 -1.32 5.11
C PHE A 167 9.68 0.02 5.52
N GLN A 168 8.91 0.05 6.62
CA GLN A 168 8.39 1.29 7.16
C GLN A 168 9.50 2.29 7.43
N ASP A 169 10.61 1.82 8.00
CA ASP A 169 11.75 2.69 8.30
C ASP A 169 12.37 3.23 7.01
N ARG A 170 12.49 2.39 5.98
CA ARG A 170 13.05 2.85 4.72
C ARG A 170 12.19 3.95 4.11
N ILE A 171 10.86 3.79 4.16
CA ILE A 171 9.98 4.81 3.61
C ILE A 171 10.05 6.10 4.44
N ALA A 172 10.09 5.99 5.77
CA ALA A 172 10.19 7.17 6.64
C ALA A 172 11.52 7.92 6.49
N SER A 173 12.60 7.21 6.23
CA SER A 173 13.95 7.76 6.32
C SER A 173 14.53 8.23 5.00
N LYS A 174 13.89 7.92 3.86
CA LYS A 174 14.49 8.24 2.56
C LYS A 174 14.82 9.72 2.46
N LEU A 175 13.87 10.57 2.84
CA LEU A 175 13.98 12.01 2.80
C LEU A 175 13.56 12.53 4.18
N SER A 176 13.62 13.85 4.37
CA SER A 176 13.17 14.48 5.61
C SER A 176 12.39 15.75 5.30
N GLY A 177 11.69 16.25 6.32
CA GLY A 177 11.05 17.56 6.24
C GLY A 177 10.10 17.70 5.06
N ASP A 178 10.14 18.86 4.41
CA ASP A 178 9.24 19.11 3.28
C ASP A 178 9.57 18.28 2.04
N ASP A 179 10.82 17.81 1.90
CA ASP A 179 11.14 16.85 0.84
C ASP A 179 10.36 15.56 1.04
N ALA A 180 10.42 15.01 2.26
CA ALA A 180 9.65 13.83 2.60
C ALA A 180 8.16 14.08 2.45
N ALA A 181 7.70 15.30 2.76
CA ALA A 181 6.28 15.59 2.58
C ALA A 181 5.88 15.46 1.12
N GLN A 182 6.70 16.00 0.19
CA GLN A 182 6.35 15.87 -1.23
C GLN A 182 6.37 14.40 -1.67
N PHE A 183 7.34 13.63 -1.17
CA PHE A 183 7.40 12.20 -1.44
C PHE A 183 6.09 11.50 -1.06
N ARG A 184 5.61 11.77 0.17
CA ARG A 184 4.35 11.18 0.61
C ARG A 184 3.16 11.67 -0.20
N ARG A 185 3.12 12.98 -0.53
CA ARG A 185 2.04 13.48 -1.38
C ARG A 185 1.99 12.74 -2.70
N CYS A 186 3.15 12.48 -3.31
CA CYS A 186 3.14 11.85 -4.63
C CYS A 186 2.74 10.38 -4.56
N ILE A 187 3.12 9.70 -3.48
CA ILE A 187 2.60 8.35 -3.26
C ILE A 187 1.07 8.37 -3.18
N ARG A 188 0.52 9.30 -2.39
CA ARG A 188 -0.93 9.42 -2.29
C ARG A 188 -1.57 9.73 -3.64
N TYR A 189 -1.01 10.66 -4.41
CA TYR A 189 -1.57 10.96 -5.73
C TYR A 189 -1.66 9.70 -6.57
N LEU A 190 -0.60 8.89 -6.56
CA LEU A 190 -0.65 7.72 -7.42
C LEU A 190 -1.61 6.67 -6.87
N LYS A 191 -1.82 6.63 -5.56
CA LYS A 191 -2.80 5.70 -5.01
C LYS A 191 -4.22 6.08 -5.43
N ARG A 192 -4.52 7.39 -5.45
CA ARG A 192 -5.84 7.79 -5.92
C ARG A 192 -5.98 7.56 -7.42
N TRP A 193 -4.93 7.84 -8.19
CA TRP A 193 -4.96 7.47 -9.60
C TRP A 193 -5.24 5.98 -9.76
N ARG A 194 -4.59 5.15 -8.95
CA ARG A 194 -4.80 3.71 -9.03
C ARG A 194 -6.26 3.35 -8.75
N ASP A 195 -6.81 3.92 -7.68
CA ASP A 195 -8.21 3.64 -7.34
C ASP A 195 -9.17 4.12 -8.44
N PHE A 196 -8.90 5.28 -9.04
CA PHE A 196 -9.81 5.82 -10.04
C PHE A 196 -9.72 5.05 -11.36
N ARG A 197 -8.52 4.70 -11.82
CA ARG A 197 -8.40 4.16 -13.16
C ARG A 197 -8.26 2.65 -13.22
N PHE A 198 -8.20 1.96 -12.08
CA PHE A 198 -8.14 0.51 -12.08
C PHE A 198 -9.34 -0.07 -11.34
N SER A 199 -10.49 0.56 -11.48
CA SER A 199 -11.70 0.13 -10.77
C SER A 199 -12.49 -0.94 -11.52
N SER A 200 -12.38 -1.01 -12.85
CA SER A 200 -13.11 -2.04 -13.58
C SER A 200 -12.65 -3.44 -13.20
N ASP A 201 -11.36 -3.59 -12.87
CA ASP A 201 -10.73 -4.89 -12.73
C ASP A 201 -9.73 -4.76 -11.58
N GLY A 202 -10.24 -4.84 -10.35
CA GLY A 202 -9.37 -4.62 -9.20
C GLY A 202 -8.21 -5.59 -9.13
N ASN A 203 -8.38 -6.80 -9.65
CA ASN A 203 -7.31 -7.78 -9.61
C ASN A 203 -6.15 -7.38 -10.52
N ALA A 204 -6.39 -6.54 -11.51
CA ALA A 204 -5.33 -6.03 -12.37
C ALA A 204 -4.65 -4.78 -11.81
N ALA A 205 -5.06 -4.30 -10.63
CA ALA A 205 -4.56 -3.01 -10.16
C ALA A 205 -3.19 -3.20 -9.48
N PRO A 206 -2.27 -2.28 -9.71
CA PRO A 206 -0.97 -2.36 -9.02
C PRO A 206 -1.16 -2.18 -7.52
N LEU A 207 -0.49 -3.03 -6.76
CA LEU A 207 -0.55 -2.94 -5.31
C LEU A 207 -0.03 -1.60 -4.81
N GLY A 208 -0.64 -1.09 -3.74
CA GLY A 208 -0.15 0.14 -3.16
C GLY A 208 1.27 0.01 -2.67
N ILE A 209 1.63 -1.15 -2.11
CA ILE A 209 3.00 -1.33 -1.65
C ILE A 209 3.95 -1.32 -2.84
N GLY A 210 3.47 -1.72 -4.02
CA GLY A 210 4.32 -1.67 -5.19
C GLY A 210 4.57 -0.25 -5.66
N LEU A 211 3.55 0.59 -5.62
CA LEU A 211 3.72 2.01 -5.91
C LEU A 211 4.65 2.65 -4.89
N THR A 212 4.52 2.27 -3.63
CA THR A 212 5.37 2.84 -2.59
C THR A 212 6.83 2.42 -2.77
N ALA A 213 7.06 1.14 -3.06
CA ALA A 213 8.43 0.70 -3.31
C ALA A 213 9.01 1.37 -4.55
N ALA A 214 8.19 1.52 -5.59
CA ALA A 214 8.67 2.22 -6.78
C ALA A 214 9.10 3.64 -6.42
N ALA A 215 8.30 4.33 -5.58
CA ALA A 215 8.68 5.66 -5.17
C ALA A 215 9.98 5.63 -4.37
N TYR A 216 10.14 4.65 -3.50
CA TYR A 216 11.39 4.52 -2.74
C TYR A 216 12.60 4.47 -3.67
N TRP A 217 12.49 3.68 -4.76
CA TRP A 217 13.62 3.55 -5.68
C TRP A 217 13.81 4.81 -6.54
N TRP A 218 12.73 5.43 -7.01
CA TRP A 218 12.82 6.33 -8.15
C TRP A 218 12.28 7.74 -7.94
N PHE A 219 11.59 8.03 -6.84
CA PHE A 219 11.10 9.38 -6.64
C PHE A 219 12.26 10.37 -6.47
N GLN A 220 12.13 11.54 -7.10
CA GLN A 220 13.06 12.64 -6.87
C GLN A 220 12.27 13.90 -6.54
N VAL A 221 12.71 14.62 -5.52
CA VAL A 221 12.12 15.91 -5.17
C VAL A 221 12.19 16.86 -6.36
N SER A 222 11.15 17.69 -6.52
CA SER A 222 11.15 18.81 -7.45
C SER A 222 10.84 20.08 -6.68
N LYS A 223 11.84 20.95 -6.53
CA LYS A 223 11.65 22.20 -5.84
C LYS A 223 12.63 23.20 -6.42
N ARG A 224 12.34 24.47 -6.15
CA ARG A 224 13.23 25.55 -6.53
C ARG A 224 13.49 26.41 -5.30
N THR A 225 14.72 26.88 -5.16
CA THR A 225 15.12 27.78 -4.08
C THR A 225 15.56 29.10 -4.70
N ASP A 226 14.88 30.18 -4.33
CA ASP A 226 15.23 31.49 -4.87
C ASP A 226 16.63 31.89 -4.40
N PRO A 227 17.58 32.16 -5.31
CA PRO A 227 18.96 32.38 -4.86
C PRO A 227 19.14 33.58 -3.94
N VAL A 228 18.27 34.58 -4.00
CA VAL A 228 18.44 35.78 -3.19
C VAL A 228 17.68 35.67 -1.87
N SER A 229 16.43 35.24 -1.90
CA SER A 229 15.62 35.13 -0.68
C SER A 229 15.69 33.77 -0.02
N GLN A 230 16.25 32.77 -0.70
CA GLN A 230 16.22 31.36 -0.26
C GLN A 230 14.82 30.82 -0.03
N ASN A 231 13.79 31.49 -0.56
CA ASN A 231 12.44 30.94 -0.49
C ASN A 231 12.36 29.67 -1.34
N VAL A 232 11.67 28.66 -0.82
CA VAL A 232 11.58 27.36 -1.50
C VAL A 232 10.15 27.14 -1.97
N THR A 233 10.00 26.69 -3.22
CA THR A 233 8.70 26.34 -3.74
C THR A 233 8.78 24.93 -4.30
N TYR A 234 7.76 24.13 -4.05
CA TYR A 234 7.71 22.75 -4.54
C TYR A 234 6.84 22.68 -5.79
N ASP A 235 7.10 21.69 -6.64
CA ASP A 235 6.42 21.50 -7.92
C ASP A 235 5.99 20.03 -7.99
N ASP A 236 4.82 19.73 -7.42
CA ASP A 236 4.36 18.34 -7.39
C ASP A 236 4.10 17.80 -8.79
N ARG A 237 3.60 18.65 -9.70
CA ARG A 237 3.34 18.18 -11.06
C ARG A 237 4.64 17.71 -11.71
N ASP A 238 5.71 18.50 -11.57
CA ASP A 238 6.98 18.12 -12.16
C ASP A 238 7.57 16.89 -11.47
N ALA A 239 7.44 16.81 -10.13
CA ALA A 239 7.91 15.61 -9.41
C ALA A 239 7.21 14.36 -9.91
N LEU A 240 5.89 14.43 -10.07
CA LEU A 240 5.14 13.30 -10.62
C LEU A 240 5.58 12.98 -12.04
N GLU A 241 5.77 14.00 -12.88
CA GLU A 241 6.18 13.75 -14.26
C GLU A 241 7.50 13.00 -14.31
N GLN A 242 8.49 13.45 -13.53
CA GLN A 242 9.77 12.75 -13.55
C GLN A 242 9.64 11.33 -13.02
N PHE A 243 8.87 11.15 -11.93
CA PHE A 243 8.72 9.83 -11.32
C PHE A 243 8.01 8.86 -12.27
N VAL A 244 6.92 9.30 -12.88
CA VAL A 244 6.20 8.43 -13.81
C VAL A 244 7.06 8.08 -15.01
N GLN A 245 7.78 9.08 -15.56
CA GLN A 245 8.70 8.77 -16.65
C GLN A 245 9.76 7.74 -16.24
N THR A 246 10.32 7.86 -15.02
CA THR A 246 11.33 6.89 -14.60
C THR A 246 10.74 5.50 -14.45
N MSE A 247 9.53 5.40 -13.90
CA MSE A 247 8.86 4.10 -13.87
C MSE A 247 8.70 3.53 -15.29
O MSE A 247 8.99 2.35 -15.52
CB MSE A 247 7.49 4.17 -13.20
CG MSE A 247 7.53 4.38 -11.70
SE MSE A 247 5.71 4.37 -10.96
CE MSE A 247 5.36 2.50 -11.18
N LEU A 248 8.21 4.36 -16.20
CA LEU A 248 8.02 3.88 -17.57
C LEU A 248 9.34 3.40 -18.18
N ASP A 249 10.41 4.13 -17.91
CA ASP A 249 11.73 3.77 -18.40
C ASP A 249 12.20 2.44 -17.84
N ASN A 250 11.65 1.99 -16.72
CA ASN A 250 12.10 0.72 -16.18
C ASN A 250 11.25 -0.47 -16.62
N PHE A 251 10.22 -0.27 -17.45
CA PHE A 251 9.58 -1.42 -18.09
C PHE A 251 10.53 -2.05 -19.10
N HIS A 252 10.45 -3.38 -19.21
CA HIS A 252 11.28 -4.15 -20.14
C HIS A 252 10.39 -5.10 -20.90
N ASP A 253 10.47 -5.09 -22.23
CA ASP A 253 9.70 -6.03 -23.03
C ASP A 253 10.21 -7.45 -22.79
N THR A 254 9.32 -8.34 -22.36
CA THR A 254 9.67 -9.65 -21.85
C THR A 254 8.94 -10.70 -22.66
N TRP A 255 9.71 -11.55 -23.35
CA TRP A 255 9.13 -12.60 -24.17
C TRP A 255 8.43 -13.62 -23.28
N ASP A 256 7.24 -14.02 -23.70
CA ASP A 256 6.49 -15.09 -23.07
C ASP A 256 6.35 -16.21 -24.09
N SER A 257 6.96 -17.36 -23.77
CA SER A 257 7.03 -18.47 -24.71
C SER A 257 5.66 -19.12 -24.91
N LYS A 258 4.87 -19.24 -23.85
CA LYS A 258 3.55 -19.84 -23.98
C LYS A 258 2.70 -19.06 -24.99
N ASP A 259 2.67 -17.74 -24.86
CA ASP A 259 1.87 -16.89 -25.73
C ASP A 259 2.60 -16.49 -27.01
N GLN A 260 3.89 -16.78 -27.12
CA GLN A 260 4.66 -16.46 -28.31
C GLN A 260 4.56 -14.96 -28.63
N ARG A 261 4.72 -14.15 -27.59
CA ARG A 261 4.75 -12.70 -27.81
C ARG A 261 5.40 -12.08 -26.59
N SER A 262 5.66 -10.78 -26.67
CA SER A 262 6.25 -10.05 -25.55
C SER A 262 5.19 -9.26 -24.81
N TYR A 263 5.46 -9.04 -23.51
CA TYR A 263 4.68 -8.14 -22.69
C TYR A 263 5.63 -7.21 -21.95
N PRO A 264 5.25 -5.95 -21.74
CA PRO A 264 6.14 -5.04 -21.00
C PRO A 264 6.04 -5.38 -19.52
N ARG A 265 7.17 -5.48 -18.82
CA ARG A 265 7.12 -5.85 -17.42
C ARG A 265 7.95 -4.89 -16.59
N LEU A 266 7.37 -4.42 -15.50
CA LEU A 266 8.10 -3.62 -14.53
C LEU A 266 8.37 -4.49 -13.30
N THR A 267 9.64 -4.64 -12.95
CA THR A 267 10.05 -5.35 -11.75
C THR A 267 10.37 -4.32 -10.67
N VAL A 268 9.78 -4.47 -9.48
CA VAL A 268 10.02 -3.55 -8.37
C VAL A 268 10.31 -4.41 -7.15
N GLU A 269 11.59 -4.55 -6.82
CA GLU A 269 11.98 -5.35 -5.67
C GLU A 269 11.70 -4.60 -4.37
N LEU A 270 11.15 -5.31 -3.41
CA LEU A 270 11.12 -4.76 -2.06
C LEU A 270 12.55 -4.47 -1.62
N PRO A 271 12.80 -3.33 -0.95
CA PRO A 271 14.17 -3.02 -0.51
C PRO A 271 14.58 -3.70 0.80
N VAL A 272 13.73 -4.53 1.37
CA VAL A 272 14.01 -5.31 2.57
C VAL A 272 13.60 -6.76 2.30
N GLN A 273 13.94 -7.64 3.23
CA GLN A 273 13.54 -9.04 3.13
C GLN A 273 12.03 -9.14 2.95
N PRO A 274 11.53 -10.06 2.09
CA PRO A 274 12.33 -11.04 1.32
C PRO A 274 12.85 -10.60 -0.07
N TYR A 275 12.87 -9.29 -0.33
CA TYR A 275 13.43 -8.70 -1.55
C TYR A 275 12.71 -9.16 -2.81
N ASN A 276 11.44 -9.51 -2.71
CA ASN A 276 10.73 -10.03 -3.88
C ASN A 276 10.26 -8.90 -4.81
N ASP A 277 10.03 -9.26 -6.06
CA ASP A 277 9.35 -8.38 -7.01
C ASP A 277 7.90 -8.23 -6.59
N VAL A 278 7.53 -7.03 -6.12
CA VAL A 278 6.18 -6.78 -5.63
C VAL A 278 5.14 -6.97 -6.72
N PHE A 279 5.51 -6.79 -7.98
CA PHE A 279 4.58 -6.91 -9.10
C PHE A 279 4.62 -8.27 -9.78
N GLU A 280 5.32 -9.24 -9.19
CA GLU A 280 5.53 -10.54 -9.85
C GLU A 280 4.22 -11.26 -10.19
N LYS A 281 3.14 -11.02 -9.44
CA LYS A 281 1.89 -11.72 -9.72
C LYS A 281 1.04 -11.06 -10.81
N MSE A 282 1.37 -9.86 -11.25
CA MSE A 282 0.65 -9.27 -12.37
C MSE A 282 0.95 -10.02 -13.68
O MSE A 282 2.11 -10.33 -13.98
CB MSE A 282 1.02 -7.80 -12.50
CG MSE A 282 0.63 -7.01 -11.28
SE MSE A 282 0.92 -5.09 -11.51
CE MSE A 282 0.02 -4.86 -13.23
N THR A 283 -0.09 -10.32 -14.45
CA THR A 283 0.11 -10.94 -15.74
C THR A 283 0.71 -9.95 -16.73
N GLY A 284 1.19 -10.50 -17.85
CA GLY A 284 1.70 -9.66 -18.92
C GLY A 284 0.64 -8.72 -19.48
N MSE A 285 -0.60 -9.22 -19.65
CA MSE A 285 -1.68 -8.37 -20.11
C MSE A 285 -2.00 -7.23 -19.10
O MSE A 285 -2.24 -6.07 -19.49
CB MSE A 285 -2.92 -9.21 -20.40
CG MSE A 285 -2.79 -10.04 -21.67
SE MSE A 285 -2.68 -8.89 -23.26
CE MSE A 285 -4.58 -8.45 -23.38
N GLN A 286 -1.97 -7.57 -17.80
CA GLN A 286 -2.17 -6.53 -16.79
C GLN A 286 -1.06 -5.51 -16.80
N MSE A 287 0.17 -5.95 -17.03
CA MSE A 287 1.29 -5.01 -17.12
C MSE A 287 1.18 -4.13 -18.34
O MSE A 287 1.57 -2.96 -18.27
CB MSE A 287 2.62 -5.76 -17.13
CG MSE A 287 2.92 -6.47 -15.85
SE MSE A 287 3.95 -5.18 -14.78
CE MSE A 287 4.84 -6.43 -13.65
N GLU A 288 0.74 -4.69 -19.46
CA GLU A 288 0.56 -3.86 -20.65
C GLU A 288 -0.46 -2.76 -20.38
N SER A 289 -1.54 -3.10 -19.68
CA SER A 289 -2.55 -2.09 -19.39
C SER A 289 -2.03 -1.07 -18.39
N PHE A 290 -1.30 -1.54 -17.36
CA PHE A 290 -0.62 -0.66 -16.40
C PHE A 290 0.27 0.34 -17.12
N LYS A 291 1.12 -0.15 -18.02
CA LYS A 291 2.03 0.74 -18.74
C LYS A 291 1.26 1.75 -19.57
N SER A 292 0.20 1.30 -20.27
CA SER A 292 -0.56 2.21 -21.12
C SER A 292 -1.21 3.32 -20.29
N LYS A 293 -1.71 2.97 -19.10
CA LYS A 293 -2.34 3.99 -18.28
C LYS A 293 -1.32 4.92 -17.65
N LEU A 294 -0.14 4.38 -17.28
CA LEU A 294 0.95 5.25 -16.82
C LEU A 294 1.37 6.22 -17.90
N GLN A 295 1.43 5.76 -19.14
CA GLN A 295 1.80 6.64 -20.25
C GLN A 295 0.75 7.72 -20.43
N ALA A 296 -0.53 7.36 -20.34
CA ALA A 296 -1.57 8.37 -20.50
C ALA A 296 -1.48 9.40 -19.37
N LEU A 297 -1.18 8.95 -18.15
CA LEU A 297 -0.98 9.88 -17.04
C LEU A 297 0.21 10.81 -17.29
N LEU A 298 1.34 10.26 -17.75
CA LEU A 298 2.49 11.09 -18.10
C LEU A 298 2.13 12.14 -19.14
N ASN A 299 1.44 11.72 -20.21
CA ASN A 299 1.05 12.68 -21.25
C ASN A 299 0.16 13.77 -20.66
N ALA A 300 -0.72 13.41 -19.73
CA ALA A 300 -1.58 14.42 -19.11
C ALA A 300 -0.79 15.40 -18.24
N LEU A 301 0.19 14.90 -17.48
CA LEU A 301 1.03 15.79 -16.68
C LEU A 301 1.76 16.80 -17.56
N LYS A 302 2.23 16.33 -18.73
CA LYS A 302 2.92 17.23 -19.66
C LYS A 302 1.95 18.20 -20.32
N THR A 303 0.76 17.73 -20.70
CA THR A 303 -0.24 18.63 -21.27
C THR A 303 -0.64 19.70 -20.26
N ALA A 304 -0.83 19.30 -19.00
CA ALA A 304 -1.21 20.26 -17.97
C ALA A 304 -0.18 21.38 -17.89
N LYS A 305 1.11 21.04 -17.98
CA LYS A 305 2.15 22.06 -17.93
C LYS A 305 1.97 23.14 -19.00
N SER A 306 1.45 22.81 -20.18
CA SER A 306 1.43 23.76 -21.29
C SER A 306 0.06 24.41 -21.54
N ARG A 307 -0.91 24.22 -20.65
CA ARG A 307 -2.21 24.86 -20.83
C ARG A 307 -2.15 26.33 -20.43
N LEU A 308 -2.74 27.19 -21.25
CA LEU A 308 -2.81 28.61 -20.92
C LEU A 308 -3.75 28.87 -19.74
N GLU A 309 -4.88 28.18 -19.70
CA GLU A 309 -5.90 28.39 -18.69
C GLU A 309 -5.77 27.34 -17.60
N LEU A 310 -5.82 27.78 -16.34
CA LEU A 310 -5.80 26.86 -15.21
C LEU A 310 -6.91 25.82 -15.30
N HIS A 311 -8.10 26.23 -15.78
CA HIS A 311 -9.21 25.29 -15.92
C HIS A 311 -8.82 24.09 -16.78
N ASP A 312 -8.20 24.34 -17.94
CA ASP A 312 -7.83 23.26 -18.85
C ASP A 312 -6.72 22.39 -18.25
N ALA A 313 -5.75 23.02 -17.58
CA ALA A 313 -4.69 22.24 -16.94
C ALA A 313 -5.28 21.29 -15.89
N CYS A 314 -6.21 21.80 -15.08
CA CYS A 314 -6.79 20.98 -14.02
C CYS A 314 -7.70 19.91 -14.59
N LYS A 315 -8.48 20.24 -15.63
CA LYS A 315 -9.29 19.23 -16.31
C LYS A 315 -8.44 18.08 -16.82
N ALA A 316 -7.29 18.39 -17.44
CA ALA A 316 -6.42 17.33 -17.94
C ALA A 316 -5.97 16.42 -16.80
N LEU A 317 -5.66 17.02 -15.64
CA LEU A 317 -5.27 16.21 -14.47
C LEU A 317 -6.44 15.42 -13.88
N ALA A 318 -7.62 16.03 -13.78
CA ALA A 318 -8.78 15.33 -13.21
C ALA A 318 -9.19 14.14 -14.05
N ASP A 319 -8.87 14.15 -15.35
CA ASP A 319 -9.16 12.99 -16.18
C ASP A 319 -8.45 11.73 -15.69
N HIS A 320 -7.38 11.90 -14.91
CA HIS A 320 -6.61 10.78 -14.41
C HIS A 320 -6.68 10.62 -12.89
N PHE A 321 -6.88 11.72 -12.17
CA PHE A 321 -6.94 11.67 -10.71
C PHE A 321 -8.37 11.60 -10.18
N GLY A 322 -9.37 11.78 -11.04
CA GLY A 322 -10.75 11.69 -10.62
C GLY A 322 -11.38 13.00 -10.17
N SER A 323 -12.62 12.89 -9.69
CA SER A 323 -13.49 14.05 -9.53
C SER A 323 -13.13 14.91 -8.32
N GLU A 324 -12.27 14.43 -7.42
CA GLU A 324 -11.82 15.30 -6.33
C GLU A 324 -10.62 16.15 -6.71
N PHE A 325 -10.04 15.96 -7.89
CA PHE A 325 -9.05 16.92 -8.29
C PHE A 325 -9.73 18.24 -8.62
N PRO A 326 -9.35 19.34 -7.97
CA PRO A 326 -10.09 20.60 -8.12
C PRO A 326 -9.92 21.20 -9.50
N VAL A 327 -11.05 21.58 -10.11
CA VAL A 327 -11.04 22.17 -11.44
C VAL A 327 -11.72 23.53 -11.32
N PRO A 328 -11.00 24.63 -11.53
CA PRO A 328 -11.63 25.95 -11.40
C PRO A 328 -12.55 26.23 -12.57
N GLU A 329 -13.54 27.10 -12.32
CA GLU A 329 -14.49 27.48 -13.35
C GLU A 329 -13.78 28.07 -14.56
N LYS A 330 -14.23 27.68 -15.75
CA LYS A 330 -13.73 28.31 -16.96
C LYS A 330 -14.28 29.73 -17.06
N ASP A 331 -13.40 30.67 -17.40
CA ASP A 331 -13.78 32.08 -17.55
C ASP A 331 -14.94 32.28 -18.53
#